data_4NJ5
#
_entry.id   4NJ5
#
_cell.length_a   63.679
_cell.length_b   84.197
_cell.length_c   99.359
_cell.angle_alpha   90.00
_cell.angle_beta   90.00
_cell.angle_gamma   90.00
#
_symmetry.space_group_name_H-M   'P 21 21 21'
#
loop_
_entity.id
_entity.type
_entity.pdbx_description
1 polymer 'Probable histone-lysine N-methyltransferase, H3 lysine-9 specific SUVH9'
2 non-polymer 'ZINC ION'
3 water water
#
_entity_poly.entity_id   1
_entity_poly.type   'polypeptide(L)'
_entity_poly.pdbx_seq_one_letter_code
;STDVGPESERQFREHVRKTRMIYDSLRMFLMMEEAKRNGVGGRRARADGKAGKAGSMMRDCMLWMNRDKRIVGSIPGVQV
GDIFFFRFELCVMGLHGHPQSGIDFLTGSLSSNGEPIATSVIVSGGYEDDDDQGDVIMYTGQGGQDRLGRQAEHQRLEGG
NLAMERSMYYGIEVRVIRGLKYENEVSSRVYVYDGLFRIVDSWFDVGKSGFGVFKYRLERIEGQAEMGSSVLKFARTLKT
NPLSVRPRGYINFDISNGKENVPVYLFNDIDSDQEPLYYEYLAQTSFPPGLFVQQSGNASGCDCVNGCGSGCLCEAKNSG
EIAYDYNGTLIRQKPLIHECGSACQCPPSCRNRVTQKGLRNRLEVFRSLETGWGVRSLDVLHAGAFICEYAGVALTREQA
NILTMNGDTLVYPARFSSARWEDWGDLSQVLADFERPSYPDIPPVDFAMDVSKMRNVACYISHSTDPNVIVQFVLHDHNS
LMFPRVMLFAAENIPPMTELSLDYGVVDDWNAKLAICN
;
_entity_poly.pdbx_strand_id   A
#
# COMPACT_ATOMS: atom_id res chain seq x y z
N PRO A 6 22.13 11.37 5.35
CA PRO A 6 23.06 10.32 4.89
C PRO A 6 22.45 9.44 3.80
N GLU A 7 23.29 8.69 3.09
CA GLU A 7 22.80 7.74 2.11
C GLU A 7 22.65 6.37 2.75
N SER A 8 23.21 6.23 3.95
CA SER A 8 22.97 5.04 4.76
C SER A 8 21.50 5.01 5.16
N GLU A 9 20.91 6.19 5.26
CA GLU A 9 19.47 6.32 5.50
C GLU A 9 18.72 5.64 4.35
N ARG A 10 19.17 5.93 3.13
CA ARG A 10 18.63 5.34 1.91
C ARG A 10 18.82 3.84 1.92
N GLN A 11 19.98 3.38 2.41
CA GLN A 11 20.25 1.96 2.52
C GLN A 11 19.28 1.26 3.48
N PHE A 12 19.04 1.90 4.62
CA PHE A 12 18.05 1.42 5.58
C PHE A 12 16.66 1.34 4.95
N ARG A 13 16.27 2.39 4.24
CA ARG A 13 14.96 2.45 3.60
C ARG A 13 14.81 1.32 2.58
N GLU A 14 15.89 1.04 1.88
CA GLU A 14 15.91 -0.04 0.89
C GLU A 14 15.75 -1.41 1.56
N HIS A 15 16.51 -1.63 2.64
CA HIS A 15 16.36 -2.87 3.40
C HIS A 15 14.92 -3.08 3.83
N VAL A 16 14.31 -2.03 4.39
CA VAL A 16 12.91 -2.12 4.81
C VAL A 16 11.99 -2.45 3.64
N ARG A 17 12.25 -1.83 2.49
CA ARG A 17 11.48 -2.09 1.29
C ARG A 17 11.50 -3.58 0.93
N LYS A 18 12.69 -4.14 0.83
CA LYS A 18 12.86 -5.56 0.55
C LYS A 18 12.15 -6.45 1.59
N THR A 19 12.27 -6.07 2.86
CA THR A 19 11.65 -6.85 3.92
C THR A 19 10.14 -6.89 3.75
N ARG A 20 9.54 -5.73 3.48
CA ARG A 20 8.10 -5.67 3.32
C ARG A 20 7.64 -6.46 2.10
N MET A 21 8.42 -6.39 1.03
CA MET A 21 8.11 -7.18 -0.17
C MET A 21 8.09 -8.67 0.13
N ILE A 22 9.09 -9.13 0.89
CA ILE A 22 9.13 -10.53 1.32
C ILE A 22 7.91 -10.88 2.17
N TYR A 23 7.62 -10.05 3.16
CA TYR A 23 6.49 -10.32 4.06
C TYR A 23 5.16 -10.46 3.31
N ASP A 24 4.81 -9.45 2.52
CA ASP A 24 3.55 -9.49 1.78
C ASP A 24 3.49 -10.62 0.74
N SER A 25 4.61 -10.88 0.07
CA SER A 25 4.66 -12.00 -0.86
C SER A 25 4.39 -13.33 -0.16
N LEU A 26 5.03 -13.50 1.01
CA LEU A 26 4.86 -14.72 1.80
C LEU A 26 3.41 -14.90 2.24
N ARG A 27 2.83 -13.84 2.81
CA ARG A 27 1.42 -13.86 3.17
C ARG A 27 0.57 -14.33 1.99
N MET A 28 0.74 -13.66 0.86
CA MET A 28 -0.05 -13.99 -0.33
C MET A 28 0.14 -15.45 -0.75
N PHE A 29 1.35 -15.97 -0.57
CA PHE A 29 1.63 -17.36 -0.91
C PHE A 29 0.89 -18.33 0.00
N LEU A 30 0.91 -18.05 1.30
CA LEU A 30 0.20 -18.88 2.27
C LEU A 30 -1.30 -18.88 1.97
N MET A 31 -1.80 -17.70 1.57
CA MET A 31 -3.20 -17.58 1.16
C MET A 31 -3.49 -18.38 -0.12
N MET A 32 -2.59 -18.37 -1.09
CA MET A 32 -2.83 -19.15 -2.30
C MET A 32 -2.82 -20.64 -1.98
N GLU A 33 -1.94 -21.03 -1.06
CA GLU A 33 -1.81 -22.44 -0.71
C GLU A 33 -3.06 -22.95 -0.01
N GLU A 34 -3.57 -22.16 0.93
CA GLU A 34 -4.78 -22.56 1.65
C GLU A 34 -6.04 -22.51 0.75
N ALA A 35 -6.06 -21.57 -0.20
CA ALA A 35 -7.27 -21.31 -0.99
C ALA A 35 -7.36 -22.29 -2.14
N LYS A 36 -6.23 -22.92 -2.41
CA LYS A 36 -6.17 -23.98 -3.40
C LYS A 36 -6.97 -25.17 -2.86
N ARG A 37 -7.06 -25.26 -1.54
CA ARG A 37 -7.76 -26.35 -0.88
C ARG A 37 -9.08 -25.89 -0.28
N ARG A 44 -11.54 -11.92 5.30
CA ARG A 44 -11.26 -13.24 5.84
C ARG A 44 -10.92 -13.18 7.33
N ALA A 45 -10.97 -14.34 7.99
CA ALA A 45 -10.46 -14.48 9.34
C ALA A 45 -9.15 -15.23 9.18
N ARG A 46 -8.94 -15.66 7.94
CA ARG A 46 -7.77 -16.38 7.50
C ARG A 46 -6.60 -15.39 7.34
N ALA A 47 -6.95 -14.14 7.07
CA ALA A 47 -5.96 -13.06 6.91
C ALA A 47 -5.03 -12.91 8.12
N ASP A 48 -5.60 -12.83 9.32
CA ASP A 48 -4.80 -12.63 10.52
C ASP A 48 -3.89 -13.81 10.84
N GLY A 49 -4.44 -15.01 10.74
CA GLY A 49 -3.67 -16.22 10.96
C GLY A 49 -2.53 -16.37 9.97
N LYS A 50 -2.81 -16.06 8.70
CA LYS A 50 -1.80 -16.15 7.66
C LYS A 50 -0.73 -15.08 7.84
N ALA A 51 -1.15 -13.91 8.34
CA ALA A 51 -0.21 -12.85 8.67
C ALA A 51 0.74 -13.30 9.78
N GLY A 52 0.18 -13.91 10.82
CA GLY A 52 0.96 -14.41 11.93
C GLY A 52 1.93 -15.50 11.50
N LYS A 53 1.46 -16.37 10.60
CA LYS A 53 2.31 -17.44 10.09
C LYS A 53 3.46 -16.88 9.27
N ALA A 54 3.17 -15.89 8.43
CA ALA A 54 4.21 -15.23 7.65
C ALA A 54 5.26 -14.63 8.57
N GLY A 55 4.78 -13.97 9.63
CA GLY A 55 5.66 -13.45 10.65
C GLY A 55 6.58 -14.50 11.27
N SER A 56 6.01 -15.61 11.74
CA SER A 56 6.80 -16.63 12.43
C SER A 56 7.81 -17.29 11.49
N MET A 57 7.40 -17.51 10.25
CA MET A 57 8.29 -18.04 9.22
C MET A 57 9.45 -17.09 8.95
N MET A 58 9.17 -15.80 8.91
CA MET A 58 10.25 -14.84 8.70
C MET A 58 11.15 -14.75 9.93
N ARG A 59 10.59 -15.03 11.10
CA ARG A 59 11.37 -15.04 12.32
C ARG A 59 12.36 -16.19 12.30
N ASP A 60 11.90 -17.36 11.87
CA ASP A 60 12.78 -18.52 11.79
C ASP A 60 13.92 -18.34 10.79
N CYS A 61 13.73 -17.48 9.79
CA CYS A 61 14.75 -17.26 8.77
C CYS A 61 15.65 -16.07 9.09
N MET A 62 15.58 -15.59 10.33
CA MET A 62 16.35 -14.41 10.75
C MET A 62 16.12 -13.20 9.85
N LEU A 63 14.86 -12.96 9.48
CA LEU A 63 14.55 -11.86 8.57
C LEU A 63 13.91 -10.65 9.25
N TRP A 64 13.60 -10.78 10.54
CA TRP A 64 13.04 -9.67 11.29
C TRP A 64 14.07 -8.56 11.51
N MET A 65 13.59 -7.33 11.65
CA MET A 65 14.44 -6.22 12.05
C MET A 65 14.29 -6.05 13.56
N ASN A 66 15.29 -5.46 14.20
CA ASN A 66 15.26 -5.23 15.64
C ASN A 66 14.81 -6.47 16.40
N ARG A 67 15.45 -7.60 16.09
CA ARG A 67 15.07 -8.89 16.67
C ARG A 67 15.29 -8.90 18.18
N ASP A 68 16.40 -8.31 18.62
CA ASP A 68 16.77 -8.30 20.03
C ASP A 68 16.08 -7.18 20.81
N LYS A 69 15.28 -6.37 20.12
CA LYS A 69 14.56 -5.25 20.73
C LYS A 69 15.45 -4.19 21.39
N ARG A 70 16.76 -4.26 21.13
CA ARG A 70 17.71 -3.38 21.80
C ARG A 70 17.73 -1.96 21.24
N ILE A 71 16.89 -1.70 20.25
CA ILE A 71 16.81 -0.37 19.65
C ILE A 71 15.75 0.49 20.31
N VAL A 72 16.17 1.61 20.90
CA VAL A 72 15.24 2.58 21.46
C VAL A 72 15.15 3.78 20.53
N GLY A 73 13.94 4.31 20.35
CA GLY A 73 13.74 5.42 19.45
C GLY A 73 13.41 4.95 18.05
N SER A 74 13.88 5.68 17.04
CA SER A 74 13.53 5.39 15.65
C SER A 74 14.10 4.05 15.16
N ILE A 75 13.31 3.34 14.36
CA ILE A 75 13.79 2.17 13.66
C ILE A 75 14.27 2.62 12.29
N PRO A 76 15.57 2.40 11.99
CA PRO A 76 16.15 2.87 10.73
C PRO A 76 15.42 2.28 9.53
N GLY A 77 15.01 3.14 8.60
CA GLY A 77 14.31 2.71 7.41
C GLY A 77 12.80 2.76 7.55
N VAL A 78 12.32 2.83 8.78
CA VAL A 78 10.87 2.94 9.03
C VAL A 78 10.54 4.38 9.38
N GLN A 79 9.73 5.01 8.54
CA GLN A 79 9.48 6.44 8.67
C GLN A 79 8.10 6.71 9.21
N VAL A 80 7.94 7.89 9.80
CA VAL A 80 6.64 8.34 10.26
C VAL A 80 5.65 8.34 9.11
N GLY A 81 4.49 7.73 9.33
CA GLY A 81 3.44 7.72 8.32
C GLY A 81 3.34 6.40 7.59
N ASP A 82 4.34 5.55 7.77
CA ASP A 82 4.26 4.19 7.23
C ASP A 82 3.04 3.48 7.80
N ILE A 83 2.32 2.77 6.95
CA ILE A 83 1.13 2.05 7.36
C ILE A 83 1.35 0.54 7.35
N PHE A 84 0.63 -0.14 8.24
CA PHE A 84 0.72 -1.59 8.38
C PHE A 84 -0.69 -2.14 8.63
N PHE A 85 -0.90 -3.40 8.28
CA PHE A 85 -2.25 -3.97 8.35
C PHE A 85 -2.42 -5.04 9.42
N PHE A 86 -1.33 -5.50 9.99
CA PHE A 86 -1.37 -6.55 10.99
C PHE A 86 -0.41 -6.27 12.13
N ARG A 87 -0.77 -6.73 13.33
CA ARG A 87 0.11 -6.58 14.49
C ARG A 87 1.45 -7.27 14.28
N PHE A 88 1.42 -8.48 13.75
CA PHE A 88 2.64 -9.26 13.57
C PHE A 88 3.60 -8.57 12.62
N GLU A 89 3.02 -7.90 11.62
CA GLU A 89 3.78 -7.09 10.69
C GLU A 89 4.67 -6.09 11.43
N LEU A 90 4.14 -5.51 12.50
CA LEU A 90 4.89 -4.58 13.33
C LEU A 90 6.10 -5.26 13.98
N CYS A 91 5.97 -6.55 14.27
CA CYS A 91 7.07 -7.31 14.83
C CYS A 91 8.13 -7.52 13.77
N VAL A 92 7.69 -7.83 12.55
CA VAL A 92 8.61 -8.00 11.43
C VAL A 92 9.47 -6.74 11.23
N MET A 93 8.86 -5.57 11.33
CA MET A 93 9.57 -4.32 11.14
C MET A 93 10.22 -3.77 12.41
N GLY A 94 10.23 -4.57 13.47
CA GLY A 94 10.89 -4.19 14.71
C GLY A 94 10.29 -3.00 15.45
N LEU A 95 9.06 -2.65 15.10
CA LEU A 95 8.39 -1.52 15.74
C LEU A 95 7.80 -1.90 17.09
N HIS A 96 7.23 -3.10 17.17
CA HIS A 96 6.54 -3.54 18.37
C HIS A 96 6.55 -5.06 18.40
N GLY A 97 7.10 -5.63 19.47
CA GLY A 97 7.31 -7.06 19.54
C GLY A 97 6.23 -7.88 20.23
N HIS A 98 5.20 -7.23 20.76
CA HIS A 98 4.10 -7.96 21.40
C HIS A 98 2.74 -7.68 20.75
N PRO A 99 2.34 -8.55 19.80
CA PRO A 99 1.16 -8.39 18.95
C PRO A 99 -0.20 -8.37 19.66
N GLN A 100 -0.28 -8.75 20.93
CA GLN A 100 -1.56 -8.67 21.65
C GLN A 100 -1.48 -7.76 22.87
N SER A 101 -0.34 -7.13 23.08
CA SER A 101 -0.15 -6.26 24.23
C SER A 101 0.08 -4.83 23.78
N GLY A 102 -0.36 -3.88 24.60
CA GLY A 102 -0.16 -2.48 24.29
C GLY A 102 1.28 -2.05 24.46
N ILE A 103 1.89 -2.50 25.55
CA ILE A 103 3.25 -2.09 25.88
C ILE A 103 4.27 -3.15 25.48
N ASP A 104 5.26 -2.74 24.69
CA ASP A 104 6.44 -3.57 24.46
C ASP A 104 7.62 -2.96 25.23
N PHE A 105 8.48 -3.81 25.78
CA PHE A 105 9.57 -3.31 26.61
C PHE A 105 10.85 -4.15 26.55
N LEU A 106 11.96 -3.56 26.88
CA LEU A 106 13.24 -4.22 26.80
C LEU A 106 13.85 -4.37 28.19
N THR A 107 14.12 -5.57 28.63
CA THR A 107 14.70 -5.72 29.96
C THR A 107 16.12 -5.23 30.16
N GLY A 108 16.90 -5.21 29.09
CA GLY A 108 18.31 -4.92 29.18
C GLY A 108 18.60 -3.48 29.55
N SER A 109 19.85 -3.16 29.75
CA SER A 109 20.15 -1.88 30.33
C SER A 109 21.19 -1.13 29.63
N LEU A 110 20.99 0.15 29.51
CA LEU A 110 21.93 1.05 28.91
C LEU A 110 22.04 2.12 29.92
N SER A 111 21.15 3.08 29.74
CA SER A 111 20.57 3.90 30.78
C SER A 111 19.69 2.89 31.44
N SER A 112 19.07 3.22 32.56
CA SER A 112 18.30 2.24 33.27
C SER A 112 19.40 1.54 33.93
N ASN A 113 19.16 0.44 34.60
CA ASN A 113 20.28 -0.27 35.12
C ASN A 113 20.03 -1.72 35.00
N GLY A 114 19.84 -2.18 33.79
CA GLY A 114 19.29 -3.49 33.56
C GLY A 114 17.81 -3.45 33.89
N GLU A 115 17.33 -2.27 34.24
CA GLU A 115 15.93 -2.07 34.55
C GLU A 115 15.14 -1.98 33.26
N PRO A 116 14.02 -2.71 33.20
CA PRO A 116 13.17 -2.75 31.99
C PRO A 116 12.62 -1.37 31.65
N ILE A 117 12.65 -1.04 30.36
CA ILE A 117 12.13 0.23 29.87
C ILE A 117 11.22 -0.01 28.67
N ALA A 118 10.09 0.70 28.64
CA ALA A 118 9.14 0.56 27.55
C ALA A 118 9.71 1.22 26.29
N THR A 119 9.59 0.54 25.16
CA THR A 119 10.16 1.07 23.92
C THR A 119 9.09 1.35 22.86
N SER A 120 7.89 0.83 23.08
CA SER A 120 6.84 0.96 22.08
C SER A 120 5.45 0.74 22.67
N VAL A 121 4.51 1.57 22.24
CA VAL A 121 3.11 1.41 22.66
C VAL A 121 2.17 1.40 21.47
N ILE A 122 1.08 0.65 21.62
CA ILE A 122 0.02 0.64 20.63
C ILE A 122 -1.12 1.48 21.17
N VAL A 123 -1.53 2.48 20.40
CA VAL A 123 -2.60 3.36 20.84
C VAL A 123 -3.81 3.25 19.92
N SER A 124 -4.97 2.95 20.50
CA SER A 124 -6.22 2.93 19.75
C SER A 124 -6.64 4.36 19.41
N GLY A 125 -7.18 4.55 18.20
CA GLY A 125 -7.69 5.85 17.80
C GLY A 125 -8.93 6.27 18.56
N GLY A 126 -9.13 7.57 18.71
CA GLY A 126 -10.28 8.10 19.39
C GLY A 126 -11.55 8.04 18.57
N ASP A 135 0.77 16.81 19.95
CA ASP A 135 -0.22 15.79 20.26
C ASP A 135 0.09 15.09 21.58
N VAL A 136 -0.91 14.99 22.43
CA VAL A 136 -0.74 14.35 23.74
C VAL A 136 -1.60 13.09 23.83
N ILE A 137 -1.10 12.11 24.58
CA ILE A 137 -1.77 10.82 24.72
C ILE A 137 -1.91 10.43 26.19
N MET A 138 -3.15 10.27 26.65
CA MET A 138 -3.38 9.76 28.00
C MET A 138 -3.50 8.24 27.92
N TYR A 139 -2.42 7.57 28.30
CA TYR A 139 -2.30 6.13 28.08
C TYR A 139 -2.54 5.31 29.35
N THR A 140 -3.40 4.31 29.24
CA THR A 140 -3.69 3.43 30.36
C THR A 140 -2.82 2.19 30.35
N GLY A 141 -2.26 1.84 31.51
CA GLY A 141 -1.44 0.65 31.65
C GLY A 141 -2.21 -0.63 31.39
N GLN A 142 -1.50 -1.75 31.34
CA GLN A 142 -2.11 -3.03 30.99
C GLN A 142 -2.14 -4.02 32.15
N GLY A 143 -2.61 -5.23 31.86
CA GLY A 143 -2.63 -6.30 32.84
C GLY A 143 -3.91 -6.38 33.64
N GLY A 144 -4.20 -7.59 34.14
CA GLY A 144 -5.35 -7.81 35.00
C GLY A 144 -6.70 -7.64 34.33
N GLN A 145 -6.75 -7.93 33.04
CA GLN A 145 -8.00 -7.81 32.29
C GLN A 145 -8.54 -9.17 31.88
N ASP A 146 -9.78 -9.21 31.41
CA ASP A 146 -10.33 -10.46 30.89
C ASP A 146 -10.01 -10.63 29.42
N ARG A 147 -10.67 -11.59 28.78
CA ARG A 147 -10.43 -11.92 27.39
C ARG A 147 -10.87 -10.83 26.42
N LEU A 148 -11.77 -9.96 26.86
CA LEU A 148 -12.20 -8.84 26.02
C LEU A 148 -11.57 -7.52 26.47
N GLY A 149 -10.53 -7.62 27.28
CA GLY A 149 -9.77 -6.45 27.69
C GLY A 149 -10.41 -5.64 28.80
N ARG A 150 -11.48 -6.16 29.38
CA ARG A 150 -12.18 -5.45 30.45
C ARG A 150 -11.42 -5.60 31.77
N GLN A 151 -11.19 -4.48 32.46
CA GLN A 151 -10.50 -4.50 33.73
C GLN A 151 -11.25 -5.38 34.72
N ALA A 152 -10.54 -6.34 35.32
CA ALA A 152 -11.18 -7.32 36.20
C ALA A 152 -10.49 -7.41 37.56
N GLU A 153 -9.30 -6.84 37.67
CA GLU A 153 -8.60 -6.75 38.95
C GLU A 153 -7.67 -5.54 38.95
N HIS A 154 -7.15 -5.19 40.13
CA HIS A 154 -6.25 -4.04 40.25
C HIS A 154 -4.99 -4.26 39.42
N GLN A 155 -4.55 -3.22 38.73
CA GLN A 155 -3.30 -3.29 37.98
C GLN A 155 -2.14 -3.30 38.97
N ARG A 156 -1.01 -3.84 38.53
CA ARG A 156 0.19 -3.82 39.37
C ARG A 156 1.34 -3.15 38.65
N LEU A 157 2.18 -2.46 39.41
CA LEU A 157 3.31 -1.77 38.83
C LEU A 157 4.43 -2.76 38.54
N GLU A 158 4.19 -3.62 37.56
CA GLU A 158 5.15 -4.64 37.16
C GLU A 158 5.11 -4.76 35.64
N GLY A 159 6.10 -5.45 35.08
CA GLY A 159 6.18 -5.68 33.66
C GLY A 159 6.07 -4.41 32.83
N GLY A 160 5.05 -4.37 31.97
CA GLY A 160 4.85 -3.24 31.07
C GLY A 160 4.67 -1.92 31.79
N ASN A 161 3.87 -1.92 32.85
CA ASN A 161 3.60 -0.71 33.61
C ASN A 161 4.85 -0.13 34.26
N LEU A 162 5.60 -1.01 34.95
CA LEU A 162 6.86 -0.61 35.56
C LEU A 162 7.81 -0.11 34.49
N ALA A 163 7.80 -0.76 33.33
CA ALA A 163 8.65 -0.36 32.22
C ALA A 163 8.30 1.05 31.73
N MET A 164 7.01 1.35 31.68
CA MET A 164 6.54 2.68 31.32
C MET A 164 7.07 3.70 32.33
N GLU A 165 6.89 3.40 33.60
CA GLU A 165 7.39 4.24 34.69
C GLU A 165 8.88 4.54 34.53
N ARG A 166 9.65 3.48 34.29
CA ARG A 166 11.09 3.61 34.13
C ARG A 166 11.46 4.44 32.91
N SER A 167 10.71 4.27 31.82
CA SER A 167 10.96 5.06 30.62
C SER A 167 10.67 6.54 30.87
N MET A 168 9.66 6.83 31.70
CA MET A 168 9.44 8.21 32.13
C MET A 168 10.66 8.69 32.89
N TYR A 169 11.12 7.87 33.82
CA TYR A 169 12.24 8.22 34.68
C TYR A 169 13.52 8.50 33.89
N TYR A 170 13.82 7.62 32.93
CA TYR A 170 15.08 7.74 32.19
C TYR A 170 14.95 8.54 30.90
N GLY A 171 13.77 9.15 30.70
CA GLY A 171 13.53 9.98 29.54
C GLY A 171 13.61 9.24 28.22
N ILE A 172 13.13 7.99 28.21
CA ILE A 172 13.24 7.13 27.05
C ILE A 172 12.31 7.53 25.90
N GLU A 173 12.89 7.65 24.71
CA GLU A 173 12.10 7.81 23.50
C GLU A 173 11.23 6.59 23.30
N VAL A 174 9.91 6.80 23.24
CA VAL A 174 8.97 5.70 23.06
C VAL A 174 8.27 5.79 21.70
N ARG A 175 8.32 4.71 20.94
CA ARG A 175 7.59 4.65 19.67
C ARG A 175 6.09 4.50 19.93
N VAL A 176 5.29 5.28 19.21
CA VAL A 176 3.84 5.15 19.27
C VAL A 176 3.31 4.67 17.93
N ILE A 177 2.58 3.55 17.96
CA ILE A 177 1.90 3.06 16.78
C ILE A 177 0.41 3.11 17.02
N ARG A 178 -0.29 3.85 16.17
CA ARG A 178 -1.73 3.99 16.33
C ARG A 178 -2.51 2.97 15.52
N GLY A 179 -3.50 2.35 16.15
CA GLY A 179 -4.38 1.41 15.49
C GLY A 179 -5.73 2.05 15.21
N LEU A 180 -6.16 1.97 13.95
CA LEU A 180 -7.39 2.63 13.54
C LEU A 180 -8.26 1.69 12.71
N LYS A 181 -9.56 1.70 12.95
CA LYS A 181 -10.47 1.01 12.04
C LYS A 181 -10.52 1.84 10.79
N TYR A 182 -9.84 1.37 9.76
CA TYR A 182 -9.66 2.16 8.55
C TYR A 182 -9.84 1.31 7.31
N GLU A 183 -10.53 1.86 6.33
CA GLU A 183 -10.89 1.15 5.11
C GLU A 183 -9.64 0.73 4.32
N ASN A 184 -9.52 -0.58 4.08
CA ASN A 184 -8.47 -1.13 3.24
C ASN A 184 -8.84 -2.54 2.82
N GLU A 185 -8.17 -3.06 1.80
CA GLU A 185 -8.59 -4.29 1.16
C GLU A 185 -7.84 -5.54 1.64
N VAL A 186 -6.98 -5.40 2.64
CA VAL A 186 -6.18 -6.53 3.11
C VAL A 186 -6.56 -6.99 4.51
N SER A 187 -6.97 -6.05 5.37
CA SER A 187 -7.44 -6.42 6.71
C SER A 187 -8.50 -5.47 7.23
N SER A 188 -8.94 -5.69 8.46
CA SER A 188 -10.00 -4.89 9.08
C SER A 188 -9.50 -3.60 9.73
N ARG A 189 -8.18 -3.44 9.82
CA ARG A 189 -7.62 -2.25 10.47
C ARG A 189 -6.32 -1.78 9.85
N VAL A 190 -5.93 -0.55 10.18
CA VAL A 190 -4.67 0.03 9.73
C VAL A 190 -3.83 0.45 10.93
N TYR A 191 -2.56 0.05 10.94
CA TYR A 191 -1.60 0.52 11.95
C TYR A 191 -0.66 1.53 11.33
N VAL A 192 -0.57 2.70 11.94
CA VAL A 192 0.29 3.76 11.43
C VAL A 192 1.30 4.22 12.47
N TYR A 193 2.55 4.37 12.04
CA TYR A 193 3.61 4.82 12.94
C TYR A 193 3.56 6.34 13.06
N ASP A 194 3.43 6.84 14.29
CA ASP A 194 3.33 8.28 14.52
C ASP A 194 4.60 8.89 15.12
N GLY A 195 5.66 8.09 15.23
CA GLY A 195 6.93 8.60 15.69
C GLY A 195 7.21 8.45 17.17
N LEU A 196 7.97 9.40 17.71
CA LEU A 196 8.50 9.29 19.06
C LEU A 196 7.82 10.24 20.06
N PHE A 197 7.53 9.70 21.23
CA PHE A 197 6.89 10.45 22.31
C PHE A 197 7.71 10.22 23.57
N ARG A 198 7.59 11.11 24.53
CA ARG A 198 8.21 10.89 25.84
C ARG A 198 7.16 10.87 26.93
N ILE A 199 7.35 10.02 27.92
CA ILE A 199 6.44 9.93 29.04
C ILE A 199 6.86 10.99 30.06
N VAL A 200 5.99 11.96 30.30
CA VAL A 200 6.37 13.10 31.13
C VAL A 200 5.65 13.13 32.47
N ASP A 201 4.72 12.20 32.66
CA ASP A 201 3.99 12.10 33.92
C ASP A 201 3.32 10.73 34.07
N SER A 202 3.13 10.31 35.32
CA SER A 202 2.47 9.03 35.60
C SER A 202 1.73 9.12 36.92
N TRP A 203 0.65 8.36 37.05
CA TRP A 203 -0.12 8.37 38.30
C TRP A 203 -1.02 7.16 38.46
N PHE A 204 -1.49 6.96 39.69
CA PHE A 204 -2.47 5.93 40.01
C PHE A 204 -3.85 6.49 39.78
N ASP A 205 -4.73 5.71 39.15
CA ASP A 205 -6.08 6.18 38.86
C ASP A 205 -7.11 5.07 39.03
N VAL A 206 -8.37 5.46 39.23
CA VAL A 206 -9.44 4.48 39.44
C VAL A 206 -10.55 4.65 38.41
N GLY A 207 -10.99 3.52 37.84
CA GLY A 207 -12.15 3.53 36.98
C GLY A 207 -13.39 3.32 37.81
N LYS A 208 -14.54 3.40 37.13
CA LYS A 208 -15.85 3.33 37.79
C LYS A 208 -16.10 1.89 38.25
N SER A 209 -15.30 0.97 37.72
CA SER A 209 -15.32 -0.41 38.15
C SER A 209 -14.81 -0.50 39.59
N GLY A 210 -13.80 0.31 39.91
CA GLY A 210 -13.23 0.32 41.25
C GLY A 210 -11.86 -0.31 41.30
N PHE A 211 -11.35 -0.76 40.16
CA PHE A 211 -10.03 -1.37 40.11
C PHE A 211 -8.96 -0.30 39.91
N GLY A 212 -7.80 -0.51 40.53
CA GLY A 212 -6.69 0.40 40.37
C GLY A 212 -6.01 0.19 39.03
N VAL A 213 -5.73 1.29 38.33
CA VAL A 213 -5.00 1.25 37.07
C VAL A 213 -3.89 2.30 37.11
N PHE A 214 -2.93 2.18 36.19
CA PHE A 214 -1.88 3.18 36.08
C PHE A 214 -2.04 4.00 34.79
N LYS A 215 -1.82 5.30 34.88
CA LYS A 215 -1.94 6.18 33.72
C LYS A 215 -0.65 6.95 33.46
N TYR A 216 -0.34 7.15 32.17
CA TYR A 216 0.90 7.79 31.77
C TYR A 216 0.60 8.83 30.70
N ARG A 217 1.17 10.02 30.86
CA ARG A 217 0.97 11.08 29.89
C ARG A 217 2.12 11.11 28.91
N LEU A 218 1.80 10.89 27.63
CA LEU A 218 2.78 10.87 26.56
C LEU A 218 2.72 12.15 25.74
N GLU A 219 3.88 12.73 25.47
CA GLU A 219 3.97 13.94 24.67
C GLU A 219 4.94 13.73 23.51
N ARG A 220 4.52 14.16 22.33
CA ARG A 220 5.33 13.93 21.13
C ARG A 220 6.60 14.77 21.13
N ILE A 221 7.68 14.18 20.63
CA ILE A 221 8.96 14.86 20.51
C ILE A 221 8.85 15.91 19.41
N GLU A 222 9.39 17.10 19.68
CA GLU A 222 9.32 18.22 18.76
C GLU A 222 10.17 18.01 17.50
N GLY A 223 9.74 18.58 16.39
CA GLY A 223 10.53 18.60 15.18
C GLY A 223 10.40 17.38 14.26
N GLN A 224 9.39 16.55 14.49
CA GLN A 224 9.18 15.39 13.65
C GLN A 224 8.23 15.70 12.50
N ALA A 225 8.26 14.86 11.48
CA ALA A 225 7.30 14.96 10.38
C ALA A 225 5.89 14.76 10.90
N GLU A 226 4.91 15.25 10.15
CA GLU A 226 3.50 15.13 10.49
C GLU A 226 3.15 13.67 10.80
N MET A 227 2.31 13.46 11.80
CA MET A 227 1.85 12.12 12.14
C MET A 227 1.03 11.52 11.02
N GLY A 228 1.19 10.22 10.81
CA GLY A 228 0.45 9.50 9.80
C GLY A 228 -1.03 9.40 10.12
N SER A 229 -1.39 9.30 11.40
CA SER A 229 -2.79 9.22 11.79
C SER A 229 -3.55 10.50 11.40
N SER A 230 -2.88 11.63 11.51
CA SER A 230 -3.45 12.91 11.08
C SER A 230 -3.72 12.92 9.58
N VAL A 231 -2.76 12.40 8.81
CA VAL A 231 -2.91 12.28 7.37
C VAL A 231 -4.09 11.37 7.02
N LEU A 232 -4.22 10.28 7.77
CA LEU A 232 -5.33 9.34 7.58
C LEU A 232 -6.68 10.01 7.78
N LYS A 233 -6.83 10.67 8.94
CA LYS A 233 -8.09 11.33 9.26
C LYS A 233 -8.41 12.42 8.23
N PHE A 234 -7.37 13.13 7.81
CA PHE A 234 -7.50 14.16 6.79
C PHE A 234 -8.03 13.61 5.46
N ALA A 235 -7.43 12.50 5.00
CA ALA A 235 -7.87 11.85 3.76
C ALA A 235 -9.32 11.40 3.84
N ARG A 236 -9.65 10.71 4.94
CA ARG A 236 -11.01 10.28 5.18
C ARG A 236 -12.00 11.43 5.10
N THR A 237 -11.64 12.52 5.78
CA THR A 237 -12.49 13.71 5.80
C THR A 237 -12.64 14.28 4.38
N LEU A 238 -11.59 14.16 3.58
CA LEU A 238 -11.65 14.56 2.19
C LEU A 238 -12.63 13.68 1.41
N LYS A 239 -12.81 12.46 1.87
CA LYS A 239 -13.81 11.59 1.25
C LYS A 239 -15.24 11.90 1.72
N THR A 240 -15.38 12.41 2.94
CA THR A 240 -16.73 12.65 3.48
C THR A 240 -17.20 14.11 3.48
N ASN A 241 -16.30 15.04 3.76
CA ASN A 241 -16.65 16.45 3.79
C ASN A 241 -15.44 17.36 3.53
N PRO A 242 -14.92 17.32 2.29
CA PRO A 242 -13.66 17.98 1.91
C PRO A 242 -13.59 19.48 2.19
N LEU A 243 -14.71 20.18 2.05
CA LEU A 243 -14.71 21.63 2.25
C LEU A 243 -14.48 22.02 3.70
N SER A 244 -14.74 21.10 4.63
CA SER A 244 -14.56 21.39 6.04
C SER A 244 -13.08 21.57 6.40
N VAL A 245 -12.20 20.89 5.67
CA VAL A 245 -10.77 21.03 5.92
C VAL A 245 -10.06 21.77 4.79
N ARG A 246 -10.69 21.80 3.61
CA ARG A 246 -10.15 22.53 2.47
C ARG A 246 -11.20 23.43 1.85
N PRO A 247 -11.50 24.57 2.50
CA PRO A 247 -12.56 25.47 2.02
C PRO A 247 -12.20 26.11 0.68
N ARG A 248 -10.91 26.12 0.33
CA ARG A 248 -10.46 26.62 -0.97
C ARG A 248 -9.60 25.57 -1.66
N GLY A 249 -9.51 25.64 -2.98
CA GLY A 249 -8.61 24.80 -3.74
C GLY A 249 -9.29 23.87 -4.73
N TYR A 250 -10.43 23.32 -4.34
CA TYR A 250 -11.12 22.36 -5.18
C TYR A 250 -11.83 23.02 -6.36
N ILE A 251 -11.19 22.94 -7.51
CA ILE A 251 -11.73 23.47 -8.75
C ILE A 251 -12.91 22.65 -9.21
N ASN A 252 -12.74 21.33 -9.17
CA ASN A 252 -13.74 20.39 -9.64
C ASN A 252 -13.59 19.06 -8.94
N PHE A 253 -14.71 18.43 -8.55
CA PHE A 253 -14.64 17.19 -7.79
C PHE A 253 -14.71 15.93 -8.65
N ASP A 254 -14.83 16.10 -9.95
CA ASP A 254 -14.81 14.98 -10.89
C ASP A 254 -14.47 15.44 -12.30
N ILE A 255 -13.19 15.39 -12.67
CA ILE A 255 -12.75 15.75 -14.01
C ILE A 255 -12.99 14.57 -14.93
N SER A 256 -13.04 13.38 -14.36
CA SER A 256 -13.52 12.22 -15.07
C SER A 256 -14.89 12.54 -15.60
N ASN A 257 -15.59 13.35 -14.82
CA ASN A 257 -16.85 13.92 -15.28
C ASN A 257 -17.85 12.80 -15.51
N GLY A 258 -17.95 11.95 -14.48
CA GLY A 258 -18.85 10.80 -14.46
C GLY A 258 -18.46 9.67 -15.42
N LYS A 259 -17.30 9.81 -16.09
CA LYS A 259 -16.86 8.73 -16.98
C LYS A 259 -16.16 7.59 -16.25
N GLU A 260 -15.79 7.85 -15.00
CA GLU A 260 -15.29 6.83 -14.10
C GLU A 260 -16.42 6.50 -13.13
N ASN A 261 -16.31 5.37 -12.45
CA ASN A 261 -17.31 4.97 -11.48
C ASN A 261 -17.07 5.62 -10.13
N VAL A 262 -15.92 6.27 -10.00
CA VAL A 262 -15.61 7.08 -8.83
C VAL A 262 -15.15 8.47 -9.31
N PRO A 263 -15.44 9.50 -8.50
CA PRO A 263 -15.06 10.87 -8.88
C PRO A 263 -13.54 11.08 -8.84
N VAL A 264 -13.02 11.91 -9.74
CA VAL A 264 -11.59 12.23 -9.74
C VAL A 264 -11.39 13.68 -9.35
N TYR A 265 -10.83 13.91 -8.17
CA TYR A 265 -10.69 15.26 -7.64
C TYR A 265 -9.66 16.09 -8.39
N LEU A 266 -9.89 17.40 -8.45
CA LEU A 266 -8.91 18.32 -9.00
C LEU A 266 -8.69 19.45 -8.00
N PHE A 267 -7.47 19.53 -7.47
CA PHE A 267 -7.17 20.45 -6.38
C PHE A 267 -6.01 21.37 -6.73
N ASN A 268 -6.14 22.64 -6.37
CA ASN A 268 -5.10 23.63 -6.63
C ASN A 268 -5.12 24.75 -5.61
N ASP A 269 -4.23 24.65 -4.62
CA ASP A 269 -4.13 25.66 -3.57
C ASP A 269 -2.90 26.53 -3.76
N ILE A 270 -2.37 26.53 -4.99
CA ILE A 270 -1.15 27.26 -5.32
C ILE A 270 -1.43 28.47 -6.24
N ASP A 271 -2.09 28.23 -7.36
CA ASP A 271 -2.46 29.32 -8.28
C ASP A 271 -3.81 29.09 -8.96
N SER A 272 -3.98 29.72 -10.13
CA SER A 272 -5.25 29.70 -10.84
C SER A 272 -5.26 28.76 -12.05
N ASP A 273 -4.20 28.00 -12.24
CA ASP A 273 -4.11 27.09 -13.38
C ASP A 273 -5.14 25.97 -13.28
N GLN A 274 -5.83 25.71 -14.38
CA GLN A 274 -6.85 24.67 -14.41
C GLN A 274 -6.73 23.80 -15.66
N GLU A 275 -5.49 23.56 -16.10
CA GLU A 275 -5.22 22.77 -17.31
C GLU A 275 -5.94 21.42 -17.46
N PRO A 276 -5.96 20.58 -16.39
CA PRO A 276 -6.59 19.27 -16.56
C PRO A 276 -8.04 19.30 -17.06
N LEU A 277 -8.76 20.37 -16.74
CA LEU A 277 -10.14 20.54 -17.20
C LEU A 277 -10.22 20.58 -18.74
N TYR A 278 -9.19 21.12 -19.36
CA TYR A 278 -9.20 21.37 -20.80
C TYR A 278 -8.89 20.14 -21.68
N TYR A 279 -8.52 19.03 -21.07
CA TYR A 279 -8.43 17.77 -21.82
C TYR A 279 -9.82 17.16 -21.87
N GLU A 280 -10.06 16.31 -22.86
CA GLU A 280 -11.25 15.49 -22.84
C GLU A 280 -10.91 14.22 -22.09
N TYR A 281 -11.63 13.97 -21.00
CA TYR A 281 -11.36 12.80 -20.17
C TYR A 281 -11.69 11.51 -20.92
N LEU A 282 -10.78 10.55 -20.84
CA LEU A 282 -10.95 9.27 -21.52
C LEU A 282 -10.54 8.14 -20.57
N ALA A 283 -11.53 7.36 -20.14
CA ALA A 283 -11.32 6.40 -19.06
C ALA A 283 -10.55 5.15 -19.50
N GLN A 284 -10.65 4.81 -20.78
CA GLN A 284 -9.97 3.64 -21.31
C GLN A 284 -9.24 4.02 -22.58
N THR A 285 -8.08 3.41 -22.80
CA THR A 285 -7.28 3.68 -23.99
C THR A 285 -8.07 3.45 -25.27
N SER A 286 -7.99 4.39 -26.20
CA SER A 286 -8.65 4.25 -27.49
C SER A 286 -7.68 3.69 -28.53
N PHE A 287 -7.98 2.49 -29.02
CA PHE A 287 -7.17 1.86 -30.05
C PHE A 287 -7.68 2.30 -31.42
N PRO A 288 -6.81 2.27 -32.44
CA PRO A 288 -7.20 2.74 -33.78
C PRO A 288 -8.42 2.03 -34.34
N PRO A 289 -9.37 2.79 -34.88
CA PRO A 289 -10.61 2.26 -35.45
C PRO A 289 -10.31 1.19 -36.48
N GLY A 290 -10.94 0.03 -36.34
CA GLY A 290 -10.71 -1.07 -37.25
C GLY A 290 -9.58 -1.99 -36.83
N LEU A 291 -9.38 -2.11 -35.52
CA LEU A 291 -8.54 -3.14 -34.96
C LEU A 291 -9.40 -4.19 -34.37
N PHE A 292 -10.45 -3.74 -33.72
CA PHE A 292 -11.28 -4.63 -32.97
C PHE A 292 -12.07 -5.62 -33.82
N GLY A 297 -14.90 -10.97 -33.94
CA GLY A 297 -13.72 -11.25 -33.13
C GLY A 297 -13.60 -12.72 -32.89
N ASN A 298 -12.38 -13.24 -33.00
CA ASN A 298 -12.14 -14.65 -32.73
C ASN A 298 -11.02 -15.02 -31.76
N ALA A 299 -11.45 -15.72 -30.70
CA ALA A 299 -10.60 -16.26 -29.62
C ALA A 299 -11.35 -17.31 -28.79
N SER A 300 -10.64 -18.09 -28.00
CA SER A 300 -11.27 -19.06 -27.14
C SER A 300 -11.17 -18.65 -25.67
N GLY A 301 -12.19 -19.00 -24.89
CA GLY A 301 -12.23 -18.67 -23.48
C GLY A 301 -12.18 -19.92 -22.63
N CYS A 302 -11.90 -19.76 -21.34
CA CYS A 302 -11.93 -20.88 -20.43
C CYS A 302 -13.38 -21.22 -20.05
N ASP A 303 -13.56 -22.37 -19.40
CA ASP A 303 -14.89 -22.86 -19.05
C ASP A 303 -15.10 -22.96 -17.55
N CYS A 304 -14.52 -22.00 -16.81
CA CYS A 304 -14.55 -22.01 -15.35
C CYS A 304 -15.82 -21.37 -14.79
N VAL A 305 -16.94 -22.06 -14.93
CA VAL A 305 -18.25 -21.53 -14.58
C VAL A 305 -18.40 -21.10 -13.11
N ASN A 306 -17.44 -21.50 -12.27
CA ASN A 306 -17.43 -21.05 -10.88
C ASN A 306 -16.24 -20.14 -10.55
N GLY A 307 -15.59 -19.61 -11.58
CA GLY A 307 -14.43 -18.77 -11.39
C GLY A 307 -13.14 -19.54 -11.67
N CYS A 308 -12.14 -18.85 -12.21
CA CYS A 308 -10.87 -19.51 -12.52
C CYS A 308 -10.19 -20.00 -11.26
N GLY A 309 -9.82 -21.27 -11.26
CA GLY A 309 -9.02 -21.85 -10.19
C GLY A 309 -7.66 -22.22 -10.74
N SER A 310 -7.42 -23.51 -10.93
CA SER A 310 -6.14 -24.00 -11.44
C SER A 310 -6.33 -24.96 -12.61
N GLY A 311 -5.41 -24.92 -13.56
CA GLY A 311 -5.38 -25.88 -14.65
C GLY A 311 -6.31 -25.61 -15.80
N CYS A 312 -6.81 -24.38 -15.91
CA CYS A 312 -7.66 -24.03 -17.04
C CYS A 312 -6.85 -23.43 -18.19
N LEU A 313 -7.52 -23.21 -19.32
CA LEU A 313 -6.88 -22.69 -20.53
C LEU A 313 -6.25 -21.31 -20.31
N CYS A 314 -6.98 -20.43 -19.64
CA CYS A 314 -6.49 -19.08 -19.38
C CYS A 314 -5.24 -19.07 -18.50
N GLU A 315 -5.11 -20.07 -17.62
CA GLU A 315 -3.88 -20.22 -16.86
C GLU A 315 -2.72 -20.59 -17.78
N ALA A 316 -2.99 -21.48 -18.73
CA ALA A 316 -2.01 -21.88 -19.72
C ALA A 316 -1.57 -20.67 -20.55
N LYS A 317 -2.50 -19.78 -20.85
CA LYS A 317 -2.21 -18.56 -21.59
C LYS A 317 -1.27 -17.65 -20.80
N ASN A 318 -1.35 -17.77 -19.48
CA ASN A 318 -0.52 -16.98 -18.57
C ASN A 318 0.68 -17.76 -18.04
N SER A 319 1.25 -18.60 -18.90
CA SER A 319 2.47 -19.36 -18.59
C SER A 319 2.32 -20.26 -17.36
N GLY A 320 1.11 -20.73 -17.12
CA GLY A 320 0.86 -21.65 -16.02
C GLY A 320 0.51 -20.98 -14.70
N GLU A 321 0.39 -19.66 -14.70
CA GLU A 321 0.06 -18.96 -13.46
C GLU A 321 -0.85 -17.76 -13.66
N ILE A 322 -2.06 -17.86 -13.12
CA ILE A 322 -3.00 -16.74 -13.13
C ILE A 322 -2.38 -15.55 -12.41
N ALA A 323 -2.41 -14.40 -13.07
CA ALA A 323 -1.71 -13.21 -12.58
C ALA A 323 -2.09 -12.77 -11.16
N TYR A 324 -3.34 -13.01 -10.75
CA TYR A 324 -3.84 -12.45 -9.50
C TYR A 324 -4.27 -13.50 -8.49
N ASP A 325 -4.22 -13.14 -7.22
CA ASP A 325 -4.77 -13.99 -6.16
C ASP A 325 -6.28 -13.79 -6.08
N TYR A 326 -6.92 -14.36 -5.06
CA TYR A 326 -8.37 -14.25 -4.94
C TYR A 326 -8.84 -12.92 -4.36
N ASN A 327 -7.89 -12.02 -4.08
CA ASN A 327 -8.23 -10.71 -3.55
C ASN A 327 -8.02 -9.63 -4.62
N GLY A 328 -7.67 -10.07 -5.82
CA GLY A 328 -7.47 -9.16 -6.93
C GLY A 328 -6.07 -8.58 -6.98
N THR A 329 -5.17 -9.16 -6.19
CA THR A 329 -3.82 -8.62 -6.04
C THR A 329 -2.81 -9.29 -6.96
N LEU A 330 -1.99 -8.49 -7.62
CA LEU A 330 -0.93 -9.02 -8.47
C LEU A 330 0.04 -9.84 -7.64
N ILE A 331 0.33 -11.06 -8.09
CA ILE A 331 1.25 -11.95 -7.39
C ILE A 331 2.71 -11.64 -7.74
N ARG A 332 3.00 -11.59 -9.04
CA ARG A 332 4.33 -11.24 -9.53
C ARG A 332 4.21 -10.50 -10.87
N GLN A 333 5.25 -9.76 -11.25
CA GLN A 333 5.30 -9.13 -12.57
C GLN A 333 5.35 -10.18 -13.68
N LYS A 334 4.72 -9.88 -14.82
CA LYS A 334 4.80 -10.72 -16.02
C LYS A 334 4.81 -9.81 -17.26
N PRO A 335 5.38 -10.27 -18.38
CA PRO A 335 5.45 -9.38 -19.56
C PRO A 335 4.08 -9.10 -20.19
N LEU A 336 3.13 -9.98 -19.92
CA LEU A 336 1.80 -9.85 -20.50
C LEU A 336 0.78 -10.61 -19.67
N ILE A 337 -0.31 -9.93 -19.31
CA ILE A 337 -1.38 -10.57 -18.56
C ILE A 337 -2.60 -10.82 -19.46
N HIS A 338 -3.03 -12.07 -19.52
CA HIS A 338 -4.26 -12.42 -20.23
C HIS A 338 -5.41 -12.60 -19.24
N GLU A 339 -6.26 -11.59 -19.14
CA GLU A 339 -7.45 -11.68 -18.31
C GLU A 339 -8.54 -12.40 -19.08
N CYS A 340 -9.53 -12.93 -18.35
CA CYS A 340 -10.67 -13.57 -19.00
C CYS A 340 -11.51 -12.52 -19.71
N GLY A 341 -12.09 -12.91 -20.83
CA GLY A 341 -12.95 -12.02 -21.60
C GLY A 341 -14.32 -12.61 -21.86
N SER A 342 -15.02 -12.07 -22.86
CA SER A 342 -16.38 -12.49 -23.16
C SER A 342 -16.45 -13.95 -23.62
N ALA A 343 -15.35 -14.45 -24.17
CA ALA A 343 -15.29 -15.85 -24.59
C ALA A 343 -15.21 -16.80 -23.39
N CYS A 344 -14.80 -16.28 -22.24
CA CYS A 344 -14.74 -17.10 -21.03
C CYS A 344 -16.09 -17.25 -20.36
N GLN A 345 -16.30 -18.38 -19.70
CA GLN A 345 -17.59 -18.70 -19.10
C GLN A 345 -17.58 -18.45 -17.60
N CYS A 346 -16.48 -17.92 -17.08
CA CYS A 346 -16.42 -17.52 -15.69
C CYS A 346 -17.25 -16.26 -15.48
N PRO A 347 -17.83 -16.11 -14.27
CA PRO A 347 -18.63 -14.93 -13.90
C PRO A 347 -17.73 -13.72 -13.64
N PRO A 348 -18.33 -12.52 -13.47
CA PRO A 348 -17.57 -11.31 -13.16
C PRO A 348 -16.71 -11.42 -11.90
N SER A 349 -17.09 -12.31 -10.98
CA SER A 349 -16.35 -12.44 -9.72
C SER A 349 -15.05 -13.22 -9.85
N CYS A 350 -14.79 -13.77 -11.04
CA CYS A 350 -13.56 -14.52 -11.29
C CYS A 350 -12.31 -13.70 -10.97
N ARG A 351 -11.33 -14.33 -10.35
CA ARG A 351 -10.10 -13.64 -9.95
C ARG A 351 -9.25 -13.18 -11.13
N ASN A 352 -9.57 -13.66 -12.33
CA ASN A 352 -8.80 -13.28 -13.51
C ASN A 352 -9.49 -12.17 -14.31
N ARG A 353 -10.24 -11.31 -13.61
CA ARG A 353 -10.91 -10.18 -14.24
C ARG A 353 -10.67 -8.89 -13.47
N VAL A 354 -9.43 -8.64 -13.08
CA VAL A 354 -9.10 -7.50 -12.23
C VAL A 354 -9.17 -6.14 -12.93
N THR A 355 -8.30 -5.93 -13.93
CA THR A 355 -8.16 -4.60 -14.52
C THR A 355 -9.34 -4.15 -15.38
N GLN A 356 -10.14 -5.10 -15.87
CA GLN A 356 -11.31 -4.79 -16.68
C GLN A 356 -12.41 -4.09 -15.85
N LYS A 357 -12.29 -4.12 -14.53
CA LYS A 357 -13.21 -3.41 -13.64
C LYS A 357 -13.03 -1.90 -13.71
N GLY A 358 -11.83 -1.45 -14.11
CA GLY A 358 -11.54 -0.03 -14.18
C GLY A 358 -11.28 0.59 -12.83
N LEU A 359 -11.00 1.89 -12.81
CA LEU A 359 -10.69 2.61 -11.58
C LEU A 359 -11.82 2.49 -10.55
N ARG A 360 -11.44 2.25 -9.30
CA ARG A 360 -12.40 2.10 -8.21
C ARG A 360 -11.95 2.87 -6.98
N ASN A 361 -10.73 3.40 -7.02
CA ASN A 361 -10.19 4.19 -5.92
C ASN A 361 -10.42 5.69 -6.14
N ARG A 362 -10.56 6.43 -5.05
CA ARG A 362 -10.76 7.87 -5.16
C ARG A 362 -9.41 8.57 -5.24
N LEU A 363 -9.15 9.21 -6.39
CA LEU A 363 -7.87 9.86 -6.61
C LEU A 363 -8.00 11.37 -6.73
N GLU A 364 -6.87 12.05 -6.63
CA GLU A 364 -6.81 13.50 -6.65
C GLU A 364 -5.64 13.97 -7.49
N VAL A 365 -5.96 14.81 -8.48
CA VAL A 365 -4.96 15.47 -9.29
C VAL A 365 -4.73 16.84 -8.69
N PHE A 366 -3.54 17.09 -8.18
CA PHE A 366 -3.29 18.31 -7.45
C PHE A 366 -2.15 19.11 -8.05
N ARG A 367 -2.26 20.43 -7.95
CA ARG A 367 -1.22 21.32 -8.44
C ARG A 367 0.00 21.19 -7.55
N SER A 368 1.17 21.29 -8.17
CA SER A 368 2.44 21.20 -7.46
C SER A 368 3.44 22.12 -8.18
N LEU A 369 4.56 22.40 -7.54
CA LEU A 369 5.56 23.28 -8.12
C LEU A 369 6.66 22.49 -8.82
N GLU A 370 7.21 21.52 -8.11
CA GLU A 370 8.31 20.68 -8.61
C GLU A 370 7.86 19.74 -9.72
N THR A 371 6.62 19.26 -9.63
CA THR A 371 5.95 18.65 -10.77
C THR A 371 4.84 19.61 -11.14
N GLY A 372 4.43 19.63 -12.40
CA GLY A 372 3.36 20.51 -12.82
C GLY A 372 2.05 20.13 -12.15
N TRP A 373 1.63 18.89 -12.34
CA TRP A 373 0.50 18.33 -11.62
C TRP A 373 0.88 16.95 -11.13
N GLY A 374 0.28 16.51 -10.03
CA GLY A 374 0.58 15.21 -9.45
C GLY A 374 -0.68 14.48 -9.10
N VAL A 375 -0.54 13.19 -8.78
CA VAL A 375 -1.70 12.38 -8.43
C VAL A 375 -1.46 11.70 -7.09
N ARG A 376 -2.46 11.76 -6.22
CA ARG A 376 -2.41 11.06 -4.94
C ARG A 376 -3.72 10.34 -4.72
N SER A 377 -3.73 9.37 -3.80
CA SER A 377 -4.94 8.61 -3.52
C SER A 377 -5.53 8.97 -2.16
N LEU A 378 -6.85 9.11 -2.10
CA LEU A 378 -7.52 9.30 -0.81
C LEU A 378 -7.63 7.98 -0.07
N ASP A 379 -7.57 6.89 -0.82
CA ASP A 379 -7.72 5.56 -0.25
C ASP A 379 -6.37 4.95 0.06
N VAL A 380 -6.37 3.96 0.93
CA VAL A 380 -5.18 3.16 1.19
C VAL A 380 -4.95 2.29 -0.02
N LEU A 381 -3.70 2.20 -0.46
CA LEU A 381 -3.36 1.30 -1.57
C LEU A 381 -2.37 0.26 -1.09
N HIS A 382 -2.72 -1.01 -1.26
CA HIS A 382 -1.85 -2.08 -0.81
C HIS A 382 -0.95 -2.60 -1.93
N ALA A 383 0.13 -3.27 -1.52
CA ALA A 383 1.13 -3.78 -2.44
C ALA A 383 0.54 -4.76 -3.45
N GLY A 384 0.76 -4.49 -4.73
CA GLY A 384 0.29 -5.38 -5.78
C GLY A 384 -1.14 -5.14 -6.23
N ALA A 385 -1.79 -4.15 -5.63
CA ALA A 385 -3.18 -3.85 -5.98
C ALA A 385 -3.28 -3.02 -7.26
N PHE A 386 -4.36 -3.25 -8.01
CA PHE A 386 -4.62 -2.50 -9.24
C PHE A 386 -5.16 -1.12 -8.93
N ILE A 387 -4.58 -0.10 -9.56
CA ILE A 387 -5.00 1.27 -9.32
C ILE A 387 -5.95 1.73 -10.44
N CYS A 388 -5.41 1.82 -11.65
CA CYS A 388 -6.16 2.29 -12.80
C CYS A 388 -5.37 1.99 -14.06
N GLU A 389 -6.03 2.16 -15.20
CA GLU A 389 -5.37 2.05 -16.50
C GLU A 389 -4.60 3.33 -16.75
N TYR A 390 -3.57 3.26 -17.59
CA TYR A 390 -2.92 4.44 -18.13
C TYR A 390 -3.54 4.71 -19.51
N ALA A 391 -4.55 5.57 -19.56
CA ALA A 391 -5.37 5.72 -20.76
C ALA A 391 -5.00 6.90 -21.67
N GLY A 392 -4.74 6.60 -22.93
CA GLY A 392 -4.45 7.61 -23.93
C GLY A 392 -4.94 7.16 -25.29
N VAL A 393 -4.53 7.84 -26.34
CA VAL A 393 -4.90 7.47 -27.69
C VAL A 393 -3.76 6.68 -28.35
N ALA A 394 -4.01 5.40 -28.62
CA ALA A 394 -2.97 4.53 -29.17
C ALA A 394 -2.80 4.70 -30.68
N LEU A 395 -1.55 4.68 -31.11
CA LEU A 395 -1.23 4.87 -32.53
C LEU A 395 -0.53 3.67 -33.13
N THR A 396 -0.70 3.52 -34.45
CA THR A 396 0.12 2.60 -35.23
C THR A 396 1.47 3.27 -35.46
N ARG A 397 2.38 2.60 -36.13
CA ARG A 397 3.67 3.21 -36.45
C ARG A 397 3.54 4.34 -37.47
N GLU A 398 2.64 4.21 -38.43
CA GLU A 398 2.39 5.27 -39.42
C GLU A 398 1.83 6.55 -38.77
N GLN A 399 0.81 6.38 -37.93
CA GLN A 399 0.13 7.50 -37.30
C GLN A 399 1.08 8.21 -36.35
N ALA A 400 1.79 7.41 -35.58
CA ALA A 400 2.78 7.90 -34.63
C ALA A 400 3.84 8.68 -35.38
N ASN A 401 4.32 8.12 -36.48
CA ASN A 401 5.31 8.80 -37.32
C ASN A 401 4.84 10.14 -37.86
N ILE A 402 3.59 10.20 -38.32
CA ILE A 402 3.05 11.43 -38.87
C ILE A 402 2.94 12.51 -37.78
N LEU A 403 2.38 12.14 -36.63
CA LEU A 403 2.31 13.10 -35.52
C LEU A 403 3.70 13.51 -35.02
N THR A 404 4.65 12.58 -35.09
CA THR A 404 6.01 12.81 -34.59
C THR A 404 6.84 13.66 -35.55
N MET A 405 6.48 13.66 -36.83
CA MET A 405 7.18 14.49 -37.80
C MET A 405 6.66 15.93 -37.77
N ASN A 406 5.51 16.11 -37.13
CA ASN A 406 4.95 17.44 -36.92
C ASN A 406 5.55 18.08 -35.66
N GLY A 407 6.24 17.28 -34.86
CA GLY A 407 6.90 17.78 -33.67
C GLY A 407 6.29 17.34 -32.34
N ASP A 408 5.14 16.68 -32.40
CA ASP A 408 4.43 16.31 -31.18
C ASP A 408 5.22 15.33 -30.31
N THR A 409 4.98 15.38 -29.01
CA THR A 409 5.62 14.48 -28.07
C THR A 409 4.72 13.30 -27.76
N LEU A 410 5.27 12.09 -27.82
CA LEU A 410 4.48 10.87 -27.62
C LEU A 410 4.99 10.04 -26.44
N VAL A 411 4.07 9.32 -25.80
CA VAL A 411 4.44 8.42 -24.71
C VAL A 411 4.63 7.00 -25.22
N TYR A 412 5.75 6.39 -24.86
CA TYR A 412 6.04 5.03 -25.26
C TYR A 412 6.04 4.12 -24.04
N PRO A 413 4.93 3.39 -23.83
CA PRO A 413 4.74 2.53 -22.66
C PRO A 413 5.84 1.50 -22.49
N ALA A 414 6.50 1.11 -23.58
CA ALA A 414 7.61 0.18 -23.51
C ALA A 414 8.75 0.71 -22.63
N ARG A 415 8.80 2.03 -22.48
CA ARG A 415 9.91 2.66 -21.77
C ARG A 415 9.67 2.75 -20.25
N PHE A 416 8.45 2.48 -19.81
CA PHE A 416 8.16 2.41 -18.39
C PHE A 416 9.06 1.35 -17.75
N SER A 417 9.56 1.64 -16.56
CA SER A 417 10.39 0.66 -15.87
C SER A 417 9.80 0.25 -14.54
N SER A 418 9.66 -1.05 -14.35
CA SER A 418 9.16 -1.58 -13.08
C SER A 418 10.26 -2.40 -12.43
N ALA A 419 11.48 -2.24 -12.91
CA ALA A 419 12.59 -3.10 -12.52
C ALA A 419 12.95 -2.99 -11.05
N ARG A 420 12.58 -1.88 -10.44
CA ARG A 420 12.82 -1.66 -9.01
C ARG A 420 12.11 -2.71 -8.14
N TRP A 421 10.97 -3.18 -8.62
CA TRP A 421 10.13 -4.08 -7.83
C TRP A 421 10.05 -5.48 -8.43
N GLU A 422 11.09 -5.91 -9.12
CA GLU A 422 11.07 -7.23 -9.75
C GLU A 422 11.15 -8.38 -8.75
N ASP A 423 11.55 -8.08 -7.53
CA ASP A 423 11.62 -9.09 -6.47
C ASP A 423 10.26 -9.34 -5.82
N TRP A 424 9.23 -8.67 -6.32
CA TRP A 424 7.86 -8.87 -5.84
C TRP A 424 7.41 -10.30 -6.16
N GLY A 425 6.99 -11.02 -5.12
CA GLY A 425 6.60 -12.41 -5.28
C GLY A 425 7.72 -13.40 -5.05
N ASP A 426 8.94 -12.91 -4.90
CA ASP A 426 10.11 -13.75 -4.64
C ASP A 426 10.09 -14.25 -3.20
N LEU A 427 10.13 -15.56 -3.03
CA LEU A 427 10.10 -16.18 -1.71
C LEU A 427 11.38 -16.97 -1.46
N SER A 428 12.40 -16.72 -2.26
CA SER A 428 13.63 -17.51 -2.20
C SER A 428 14.42 -17.30 -0.91
N GLN A 429 14.12 -16.22 -0.18
CA GLN A 429 14.80 -15.96 1.08
C GLN A 429 14.09 -16.62 2.26
N VAL A 430 12.89 -17.11 1.99
CA VAL A 430 12.10 -17.81 3.01
C VAL A 430 12.02 -19.30 2.69
N LEU A 431 11.79 -19.63 1.42
CA LEU A 431 11.70 -21.01 0.96
C LEU A 431 12.87 -21.38 0.06
N ALA A 432 13.70 -22.31 0.52
CA ALA A 432 14.90 -22.71 -0.20
C ALA A 432 14.59 -23.34 -1.57
N ASP A 433 13.45 -24.03 -1.65
CA ASP A 433 13.09 -24.76 -2.86
C ASP A 433 12.28 -23.93 -3.85
N PHE A 434 12.10 -22.65 -3.55
CA PHE A 434 11.30 -21.77 -4.39
C PHE A 434 11.93 -21.52 -5.76
N GLU A 435 11.13 -21.73 -6.80
CA GLU A 435 11.54 -21.38 -8.16
C GLU A 435 10.55 -20.38 -8.72
N ARG A 436 11.05 -19.31 -9.33
CA ARG A 436 10.16 -18.32 -9.92
C ARG A 436 9.49 -18.89 -11.16
N PRO A 437 8.15 -18.81 -11.22
CA PRO A 437 7.40 -19.20 -12.41
C PRO A 437 7.89 -18.44 -13.62
N SER A 438 7.81 -19.06 -14.80
CA SER A 438 8.39 -18.50 -16.01
C SER A 438 7.86 -17.11 -16.40
N TYR A 439 8.80 -16.22 -16.71
CA TYR A 439 8.53 -14.90 -17.29
C TYR A 439 8.98 -15.00 -18.74
N PRO A 440 8.05 -15.29 -19.65
CA PRO A 440 8.40 -15.62 -21.04
C PRO A 440 9.03 -14.47 -21.82
N ASP A 441 10.00 -14.80 -22.68
CA ASP A 441 10.61 -13.82 -23.56
C ASP A 441 9.69 -13.57 -24.74
N ILE A 442 9.03 -12.41 -24.73
CA ILE A 442 8.13 -12.04 -25.82
C ILE A 442 8.61 -10.75 -26.48
N PRO A 443 8.15 -10.47 -27.71
CA PRO A 443 8.51 -9.19 -28.33
C PRO A 443 8.02 -8.02 -27.47
N PRO A 444 8.83 -6.97 -27.35
CA PRO A 444 8.41 -5.82 -26.56
C PRO A 444 7.29 -5.06 -27.25
N VAL A 445 6.46 -4.39 -26.46
CA VAL A 445 5.46 -3.47 -26.97
C VAL A 445 6.18 -2.34 -27.71
N ASP A 446 5.66 -1.91 -28.86
CA ASP A 446 6.31 -0.85 -29.62
C ASP A 446 5.39 0.30 -30.05
N PHE A 447 4.13 0.25 -29.66
CA PHE A 447 3.20 1.31 -30.05
C PHE A 447 3.37 2.58 -29.22
N ALA A 448 2.83 3.67 -29.72
CA ALA A 448 2.95 4.95 -29.04
C ALA A 448 1.58 5.46 -28.63
N MET A 449 1.57 6.35 -27.63
CA MET A 449 0.33 6.92 -27.14
C MET A 449 0.40 8.43 -27.15
N ASP A 450 -0.67 9.05 -27.62
CA ASP A 450 -0.81 10.49 -27.49
C ASP A 450 -1.73 10.77 -26.30
N VAL A 451 -1.28 11.64 -25.40
CA VAL A 451 -2.07 12.04 -24.25
C VAL A 451 -2.19 13.55 -24.15
N SER A 452 -2.09 14.23 -25.29
CA SER A 452 -2.14 15.68 -25.34
C SER A 452 -3.56 16.21 -25.48
N LYS A 453 -4.49 15.32 -25.83
CA LYS A 453 -5.87 15.72 -26.09
C LYS A 453 -6.85 14.95 -25.23
N MET A 454 -6.71 13.63 -25.24
CA MET A 454 -7.57 12.74 -24.47
C MET A 454 -6.74 11.89 -23.54
N ARG A 455 -7.10 11.87 -22.26
CA ARG A 455 -6.33 11.22 -21.22
C ARG A 455 -7.17 11.03 -19.97
N ASN A 456 -6.72 10.14 -19.08
CA ASN A 456 -7.36 9.94 -17.79
C ASN A 456 -6.47 10.44 -16.66
N VAL A 457 -6.87 10.14 -15.43
CA VAL A 457 -6.15 10.59 -14.23
C VAL A 457 -4.69 10.17 -14.24
N ALA A 458 -4.43 8.94 -14.69
CA ALA A 458 -3.10 8.34 -14.66
C ALA A 458 -2.07 9.13 -15.45
N CYS A 459 -2.52 9.96 -16.39
CA CYS A 459 -1.62 10.70 -17.24
C CYS A 459 -1.04 11.92 -16.53
N TYR A 460 -1.55 12.19 -15.32
CA TYR A 460 -1.01 13.28 -14.52
C TYR A 460 0.02 12.76 -13.50
N ILE A 461 0.24 11.44 -13.51
CA ILE A 461 1.21 10.83 -12.62
C ILE A 461 2.63 11.30 -12.97
N SER A 462 3.35 11.79 -11.96
CA SER A 462 4.66 12.37 -12.19
C SER A 462 5.74 11.31 -12.39
N HIS A 463 6.90 11.74 -12.87
CA HIS A 463 8.01 10.82 -13.13
C HIS A 463 8.97 10.72 -11.94
N SER A 464 9.53 9.52 -11.73
CA SER A 464 10.50 9.30 -10.67
C SER A 464 11.35 8.06 -10.91
N THR A 465 12.63 8.16 -10.57
CA THR A 465 13.52 7.00 -10.64
C THR A 465 13.25 6.03 -9.50
N ASP A 466 12.54 6.49 -8.48
CA ASP A 466 12.09 5.62 -7.39
C ASP A 466 10.57 5.56 -7.31
N PRO A 467 9.94 4.87 -8.27
CA PRO A 467 8.48 4.86 -8.38
C PRO A 467 7.81 3.92 -7.38
N ASN A 468 6.59 4.27 -6.97
CA ASN A 468 5.78 3.39 -6.14
C ASN A 468 4.66 2.72 -6.93
N VAL A 469 4.73 2.86 -8.26
CA VAL A 469 3.72 2.27 -9.14
C VAL A 469 4.40 1.54 -10.30
N ILE A 470 4.01 0.29 -10.52
CA ILE A 470 4.55 -0.49 -11.63
C ILE A 470 3.55 -0.63 -12.76
N VAL A 471 4.06 -1.00 -13.93
CA VAL A 471 3.26 -1.16 -15.13
C VAL A 471 3.15 -2.64 -15.51
N GLN A 472 1.95 -3.04 -15.93
CA GLN A 472 1.74 -4.37 -16.52
C GLN A 472 0.93 -4.24 -17.80
N PHE A 473 1.32 -4.99 -18.83
CA PHE A 473 0.55 -5.03 -20.06
C PHE A 473 -0.53 -6.11 -19.99
N VAL A 474 -1.77 -5.68 -20.20
CA VAL A 474 -2.92 -6.50 -20.05
C VAL A 474 -3.84 -6.57 -21.26
N LEU A 475 -4.34 -7.77 -21.51
CA LEU A 475 -5.35 -7.98 -22.49
C LEU A 475 -6.61 -8.45 -21.84
N HIS A 476 -7.71 -7.83 -22.19
CA HIS A 476 -8.99 -8.35 -21.82
C HIS A 476 -10.04 -8.25 -22.86
N ASP A 477 -10.32 -7.05 -23.29
CA ASP A 477 -11.30 -6.81 -24.31
C ASP A 477 -10.97 -7.21 -25.76
N HIS A 478 -9.71 -7.26 -26.11
CA HIS A 478 -9.28 -7.65 -27.41
C HIS A 478 -8.14 -8.58 -27.29
N ASN A 479 -7.75 -9.23 -28.37
CA ASN A 479 -6.63 -10.18 -28.32
C ASN A 479 -5.44 -9.91 -29.26
N SER A 480 -5.12 -8.65 -29.46
CA SER A 480 -3.96 -8.29 -30.27
C SER A 480 -2.72 -8.10 -29.39
N LEU A 481 -1.74 -8.97 -29.57
CA LEU A 481 -0.48 -8.86 -28.82
C LEU A 481 0.22 -7.52 -29.03
N MET A 482 -0.01 -6.91 -30.18
CA MET A 482 0.63 -5.63 -30.53
C MET A 482 0.07 -4.48 -29.72
N PHE A 483 -1.17 -4.61 -29.25
CA PHE A 483 -1.83 -3.51 -28.57
C PHE A 483 -2.45 -3.84 -27.20
N PRO A 484 -1.63 -4.34 -26.26
CA PRO A 484 -2.22 -4.60 -24.94
C PRO A 484 -2.46 -3.28 -24.21
N ARG A 485 -3.30 -3.31 -23.20
CA ARG A 485 -3.53 -2.11 -22.40
C ARG A 485 -2.41 -1.91 -21.39
N VAL A 486 -2.30 -0.67 -20.90
CA VAL A 486 -1.29 -0.32 -19.91
C VAL A 486 -1.99 -0.18 -18.57
N MET A 487 -1.73 -1.11 -17.65
CA MET A 487 -2.39 -1.11 -16.36
C MET A 487 -1.41 -0.85 -15.22
N LEU A 488 -1.81 0.01 -14.28
CA LEU A 488 -0.92 0.42 -13.21
C LEU A 488 -1.26 -0.27 -11.90
N PHE A 489 -0.22 -0.68 -11.18
CA PHE A 489 -0.40 -1.36 -9.91
C PHE A 489 0.45 -0.70 -8.83
N ALA A 490 -0.09 -0.63 -7.62
CA ALA A 490 0.68 -0.16 -6.48
C ALA A 490 1.81 -1.16 -6.21
N ALA A 491 3.02 -0.66 -6.06
CA ALA A 491 4.18 -1.53 -5.85
C ALA A 491 4.42 -1.80 -4.36
N GLU A 492 3.83 -0.98 -3.50
CA GLU A 492 3.97 -1.18 -2.06
C GLU A 492 2.72 -0.68 -1.33
N ASN A 493 2.72 -0.79 0.00
CA ASN A 493 1.63 -0.27 0.80
C ASN A 493 1.71 1.25 0.91
N ILE A 494 0.96 1.93 0.07
CA ILE A 494 0.99 3.39 -0.02
C ILE A 494 -0.08 4.03 0.86
N PRO A 495 0.35 4.76 1.90
CA PRO A 495 -0.62 5.51 2.72
C PRO A 495 -1.26 6.63 1.89
N PRO A 496 -2.46 7.05 2.22
CA PRO A 496 -3.12 8.11 1.51
C PRO A 496 -2.34 9.40 1.57
N MET A 497 -2.44 10.14 0.49
CA MET A 497 -1.86 11.44 0.27
C MET A 497 -0.42 11.35 -0.17
N THR A 498 0.11 10.16 -0.27
CA THR A 498 1.40 9.99 -0.83
C THR A 498 1.29 10.05 -2.34
N GLU A 499 2.12 10.86 -2.95
CA GLU A 499 2.09 11.00 -4.38
C GLU A 499 2.46 9.69 -5.10
N LEU A 500 1.75 9.43 -6.19
CA LEU A 500 2.08 8.26 -6.99
C LEU A 500 3.11 8.65 -8.02
N SER A 501 4.04 7.74 -8.31
CA SER A 501 5.08 8.03 -9.28
C SER A 501 5.37 6.84 -10.19
N LEU A 502 5.82 7.14 -11.41
CA LEU A 502 6.19 6.14 -12.39
C LEU A 502 7.58 6.45 -12.95
N ASP A 503 8.32 5.40 -13.31
CA ASP A 503 9.58 5.58 -14.02
C ASP A 503 9.31 5.54 -15.52
N TYR A 504 9.24 6.73 -16.12
CA TYR A 504 8.93 6.85 -17.54
C TYR A 504 10.08 6.35 -18.42
N GLY A 505 11.26 6.21 -17.83
CA GLY A 505 12.43 5.75 -18.54
C GLY A 505 12.98 6.80 -19.50
#